data_3NOM
#
_entry.id   3NOM
#
_cell.length_a   58.380
_cell.length_b   85.040
_cell.length_c   64.860
_cell.angle_alpha   90.000
_cell.angle_beta   108.160
_cell.angle_gamma   90.000
#
_symmetry.space_group_name_H-M   'P 1 21 1'
#
loop_
_entity.id
_entity.type
_entity.pdbx_description
1 polymer 'Glutamine cyclotransferase'
2 non-polymer 'CALCIUM ION'
3 non-polymer GLYCEROL
4 non-polymer 'SULFATE ION'
5 water water
#
_entity_poly.entity_id   1
_entity_poly.type   'polypeptide(L)'
_entity_poly.pdbx_seq_one_letter_code
;MGSTHHHHHHSSGLVPRGSHMATPSIPIYDYQIVHSYPHDTKAFTEGFFYRNGYFYESTGLNGRSSIRKVDIESGKTLQQ
IELGKRYFGEGISDWKDKIVGLTWKNGLGFVWNIRNLRQVRSFNYDGEGWGLTHNDQYLIMSDGTPVLRFLDPESLTPVR
TITVTAHGEELPELNELEWVDGEIFANVWQTNKIVRIDPETGKVTGIIDLNGILAEAGPLPSPIDVLNGIAWDKEHHRLF
VTGKLWPKVFEITLTQRVGGHK
;
_entity_poly.pdbx_strand_id   A,B
#
# COMPACT_ATOMS: atom_id res chain seq x y z
N SER A 25 -6.41 22.70 -24.99
CA SER A 25 -7.76 22.13 -24.72
C SER A 25 -7.67 20.77 -24.01
N ILE A 26 -6.69 19.93 -24.37
CA ILE A 26 -6.39 18.74 -23.52
C ILE A 26 -5.25 19.01 -22.56
N PRO A 27 -5.59 19.13 -21.26
CA PRO A 27 -4.62 19.58 -20.25
C PRO A 27 -3.31 18.74 -20.28
N ILE A 28 -2.16 19.40 -20.28
CA ILE A 28 -0.87 18.71 -20.31
C ILE A 28 -0.21 18.79 -18.92
N TYR A 29 0.43 17.72 -18.49
CA TYR A 29 1.03 17.69 -17.15
C TYR A 29 2.54 17.47 -17.22
N ASP A 30 3.29 18.26 -16.47
CA ASP A 30 4.75 18.08 -16.33
C ASP A 30 5.08 17.30 -15.05
N TYR A 31 6.14 16.52 -15.09
CA TYR A 31 6.51 15.74 -13.92
C TYR A 31 7.39 16.56 -13.00
N GLN A 32 7.48 16.19 -11.71
CA GLN A 32 8.60 16.56 -10.84
C GLN A 32 9.08 15.25 -10.31
N ILE A 33 10.39 15.01 -10.31
CA ILE A 33 10.90 13.81 -9.72
C ILE A 33 11.01 13.96 -8.21
N VAL A 34 10.34 13.07 -7.48
CA VAL A 34 10.40 13.09 -6.03
C VAL A 34 11.54 12.24 -5.59
N HIS A 35 11.67 11.06 -6.17
CA HIS A 35 12.81 10.17 -5.90
C HIS A 35 13.08 9.40 -7.18
N SER A 36 14.20 8.71 -7.18
CA SER A 36 14.57 7.87 -8.31
C SER A 36 15.40 6.67 -7.86
N TYR A 37 14.96 5.46 -8.25
CA TYR A 37 15.52 4.22 -7.71
C TYR A 37 16.13 3.45 -8.83
N PRO A 38 17.16 2.67 -8.50
CA PRO A 38 17.82 1.88 -9.52
C PRO A 38 16.82 0.90 -10.09
N HIS A 39 16.96 0.67 -11.38
CA HIS A 39 16.16 -0.29 -12.08
C HIS A 39 17.17 -1.14 -12.91
N ASP A 40 16.87 -2.43 -13.07
CA ASP A 40 17.65 -3.38 -13.84
C ASP A 40 17.72 -2.93 -15.30
N THR A 41 18.94 -2.59 -15.75
CA THR A 41 19.07 -2.02 -17.10
C THR A 41 19.00 -3.10 -18.18
N LYS A 42 18.94 -4.37 -17.77
CA LYS A 42 18.71 -5.48 -18.72
C LYS A 42 17.24 -5.87 -18.87
N ALA A 43 16.35 -5.16 -18.21
CA ALA A 43 14.96 -5.65 -18.08
C ALA A 43 14.05 -4.94 -19.02
N PHE A 44 13.50 -5.69 -19.98
CA PHE A 44 12.42 -5.15 -20.76
C PHE A 44 11.16 -5.22 -19.94
N THR A 45 10.77 -4.07 -19.39
CA THR A 45 9.57 -3.89 -18.56
C THR A 45 8.28 -4.03 -19.37
N GLU A 46 7.56 -5.14 -19.20
CA GLU A 46 6.25 -5.32 -19.89
C GLU A 46 4.99 -5.09 -19.03
N GLY A 47 5.17 -4.90 -17.71
CA GLY A 47 4.09 -4.84 -16.73
C GLY A 47 4.70 -4.47 -15.40
N PHE A 48 4.01 -3.63 -14.64
CA PHE A 48 4.65 -2.99 -13.50
C PHE A 48 3.50 -2.55 -12.64
N PHE A 49 3.58 -2.89 -11.37
CA PHE A 49 2.64 -2.38 -10.32
C PHE A 49 3.30 -2.37 -8.97
N TYR A 50 2.62 -1.69 -8.05
CA TYR A 50 3.10 -1.52 -6.71
C TYR A 50 2.17 -2.28 -5.75
N ARG A 51 2.77 -3.11 -4.89
CA ARG A 51 2.02 -3.66 -3.75
C ARG A 51 2.89 -4.04 -2.54
N ASN A 52 2.40 -3.70 -1.34
CA ASN A 52 2.94 -4.29 -0.15
C ASN A 52 4.31 -3.76 0.16
N GLY A 53 4.56 -2.49 -0.17
CA GLY A 53 5.91 -1.92 -0.17
C GLY A 53 6.88 -2.41 -1.23
N TYR A 54 6.43 -3.25 -2.18
CA TYR A 54 7.24 -3.79 -3.30
C TYR A 54 6.82 -3.42 -4.72
N PHE A 55 7.77 -3.52 -5.65
CA PHE A 55 7.44 -3.44 -7.06
C PHE A 55 7.17 -4.85 -7.57
N TYR A 56 6.27 -4.96 -8.55
CA TYR A 56 6.07 -6.23 -9.22
C TYR A 56 6.23 -5.87 -10.65
N GLU A 57 7.09 -6.61 -11.34
CA GLU A 57 7.39 -6.31 -12.74
C GLU A 57 7.30 -7.55 -13.64
N SER A 58 6.64 -7.39 -14.76
CA SER A 58 6.72 -8.39 -15.79
C SER A 58 7.91 -8.09 -16.69
N THR A 59 8.92 -8.98 -16.68
CA THR A 59 10.19 -8.68 -17.40
C THR A 59 10.63 -9.62 -18.49
N GLY A 60 11.11 -9.06 -19.62
CA GLY A 60 11.81 -9.84 -20.63
C GLY A 60 13.29 -9.76 -20.36
N LEU A 61 13.96 -10.89 -20.21
CA LEU A 61 15.41 -10.85 -20.00
C LEU A 61 16.16 -11.78 -20.93
N ASN A 62 16.18 -11.43 -22.23
CA ASN A 62 16.80 -12.23 -23.29
C ASN A 62 15.82 -13.21 -23.89
N GLY A 63 14.69 -12.69 -24.37
CA GLY A 63 13.61 -13.52 -24.95
C GLY A 63 12.75 -14.34 -23.98
N ARG A 64 13.34 -14.74 -22.84
CA ARG A 64 12.62 -15.40 -21.72
C ARG A 64 11.85 -14.35 -20.93
N SER A 65 10.61 -14.69 -20.58
CA SER A 65 9.79 -13.85 -19.75
C SER A 65 9.86 -14.29 -18.29
N SER A 66 10.12 -13.37 -17.36
CA SER A 66 9.87 -13.71 -15.98
C SER A 66 8.97 -12.67 -15.33
N ILE A 67 8.40 -13.04 -14.18
CA ILE A 67 7.65 -12.19 -13.26
C ILE A 67 8.40 -12.10 -11.95
N ARG A 68 8.44 -10.92 -11.36
CA ARG A 68 9.49 -10.63 -10.44
C ARG A 68 9.02 -9.70 -9.34
N LYS A 69 9.45 -9.97 -8.11
CA LYS A 69 9.20 -9.11 -6.98
C LYS A 69 10.49 -8.34 -6.71
N VAL A 70 10.41 -7.00 -6.85
CA VAL A 70 11.61 -6.14 -6.70
C VAL A 70 11.56 -5.27 -5.44
N ASP A 71 12.69 -5.26 -4.72
CA ASP A 71 12.92 -4.28 -3.64
C ASP A 71 12.99 -2.88 -4.27
N ILE A 72 12.16 -1.99 -3.76
CA ILE A 72 12.07 -0.67 -4.34
C ILE A 72 13.41 0.04 -4.26
N GLU A 73 14.02 0.09 -3.08
CA GLU A 73 15.24 0.93 -2.93
C GLU A 73 16.41 0.42 -3.72
N SER A 74 16.65 -0.89 -3.69
CA SER A 74 17.83 -1.43 -4.37
C SER A 74 17.61 -1.74 -5.85
N GLY A 75 16.34 -1.91 -6.24
CA GLY A 75 15.99 -2.38 -7.60
C GLY A 75 16.28 -3.86 -7.76
N LYS A 76 16.82 -4.49 -6.72
CA LYS A 76 17.15 -5.91 -6.82
C LYS A 76 15.91 -6.76 -6.75
N THR A 77 16.07 -8.01 -7.25
CA THR A 77 15.03 -8.98 -7.23
C THR A 77 15.04 -9.82 -5.97
N LEU A 78 13.87 -9.91 -5.37
CA LEU A 78 13.71 -10.63 -4.15
C LEU A 78 13.12 -11.97 -4.48
N GLN A 79 12.51 -12.10 -5.64
CA GLN A 79 11.87 -13.36 -5.95
C GLN A 79 11.33 -13.34 -7.36
N GLN A 80 11.44 -14.47 -8.05
CA GLN A 80 11.01 -14.52 -9.43
C GLN A 80 10.56 -15.89 -9.82
N ILE A 81 9.63 -15.97 -10.74
CA ILE A 81 9.46 -17.19 -11.51
C ILE A 81 9.72 -16.85 -12.98
N GLU A 82 10.08 -17.89 -13.74
CA GLU A 82 10.21 -17.78 -15.18
C GLU A 82 8.99 -18.33 -15.91
N LEU A 83 8.58 -17.67 -16.98
CA LEU A 83 7.51 -18.22 -17.81
C LEU A 83 8.15 -19.23 -18.74
N GLY A 84 7.39 -20.24 -19.14
CA GLY A 84 7.86 -21.22 -20.15
C GLY A 84 8.23 -20.59 -21.49
N LYS A 85 9.34 -21.09 -22.05
CA LYS A 85 9.90 -20.70 -23.37
C LYS A 85 8.90 -20.24 -24.44
N ARG A 86 7.73 -20.83 -24.51
CA ARG A 86 6.82 -20.38 -25.58
C ARG A 86 5.97 -19.17 -25.24
N TYR A 87 6.07 -18.67 -24.01
CA TYR A 87 5.25 -17.51 -23.69
C TYR A 87 6.06 -16.23 -23.78
N PHE A 88 5.49 -15.18 -24.35
CA PHE A 88 6.03 -13.87 -24.04
C PHE A 88 5.09 -13.09 -23.11
N GLY A 89 5.54 -12.95 -21.86
CA GLY A 89 4.83 -12.21 -20.83
C GLY A 89 4.68 -10.70 -21.03
N GLU A 90 3.44 -10.25 -20.81
CA GLU A 90 3.12 -8.84 -20.83
C GLU A 90 2.54 -8.33 -19.53
N GLY A 91 1.41 -7.59 -19.60
CA GLY A 91 0.85 -6.87 -18.48
C GLY A 91 0.64 -7.74 -17.27
N ILE A 92 0.94 -7.20 -16.10
CA ILE A 92 0.56 -7.82 -14.83
C ILE A 92 -0.14 -6.86 -13.93
N SER A 93 -0.88 -7.44 -12.97
CA SER A 93 -1.65 -6.68 -11.99
C SER A 93 -2.02 -7.56 -10.83
N ASP A 94 -2.17 -6.97 -9.65
CA ASP A 94 -2.63 -7.76 -8.58
C ASP A 94 -4.15 -7.83 -8.65
N TRP A 95 -4.70 -8.86 -7.99
CA TRP A 95 -6.11 -8.96 -7.74
C TRP A 95 -6.30 -9.84 -6.48
N LYS A 96 -6.67 -9.16 -5.36
CA LYS A 96 -6.71 -9.74 -4.01
C LYS A 96 -5.40 -10.42 -3.69
N ASP A 97 -5.40 -11.74 -3.62
CA ASP A 97 -4.18 -12.43 -3.19
C ASP A 97 -3.42 -12.98 -4.41
N LYS A 98 -3.76 -12.43 -5.57
CA LYS A 98 -3.20 -12.91 -6.80
C LYS A 98 -2.48 -11.85 -7.69
N ILE A 99 -1.56 -12.36 -8.51
CA ILE A 99 -1.06 -11.69 -9.71
C ILE A 99 -1.70 -12.32 -11.00
N VAL A 100 -2.29 -11.48 -11.83
CA VAL A 100 -2.77 -11.85 -13.12
C VAL A 100 -1.74 -11.29 -14.14
N GLY A 101 -1.45 -12.08 -15.18
CA GLY A 101 -0.48 -11.68 -16.20
C GLY A 101 -0.96 -12.04 -17.60
N LEU A 102 -0.59 -11.22 -18.57
CA LEU A 102 -1.00 -11.39 -19.95
C LEU A 102 0.16 -11.97 -20.75
N THR A 103 -0.10 -12.55 -21.92
CA THR A 103 0.99 -12.87 -22.86
C THR A 103 0.79 -12.06 -24.12
N TRP A 104 1.87 -11.88 -24.87
CA TRP A 104 1.85 -11.01 -26.02
C TRP A 104 0.91 -11.57 -27.13
N LYS A 105 1.24 -12.78 -27.62
CA LYS A 105 0.53 -13.37 -28.77
C LYS A 105 -0.13 -14.71 -28.47
N ASN A 106 0.07 -15.31 -27.28
CA ASN A 106 -0.46 -16.67 -27.01
C ASN A 106 -1.98 -16.73 -26.78
N GLY A 107 -2.62 -15.64 -26.37
CA GLY A 107 -4.03 -15.68 -25.97
C GLY A 107 -4.19 -16.40 -24.63
N LEU A 108 -3.09 -16.59 -23.91
CA LEU A 108 -3.13 -17.28 -22.64
C LEU A 108 -2.82 -16.27 -21.52
N GLY A 109 -3.58 -16.30 -20.42
CA GLY A 109 -3.25 -15.53 -19.22
C GLY A 109 -2.96 -16.44 -18.03
N PHE A 110 -2.30 -15.91 -17.02
CA PHE A 110 -2.00 -16.68 -15.83
C PHE A 110 -2.48 -15.99 -14.60
N VAL A 111 -2.71 -16.79 -13.55
CA VAL A 111 -3.05 -16.27 -12.26
C VAL A 111 -2.05 -16.94 -11.38
N TRP A 112 -1.33 -16.14 -10.60
CA TRP A 112 -0.45 -16.72 -9.56
C TRP A 112 -0.82 -16.27 -8.14
N ASN A 113 -0.54 -17.15 -7.19
CA ASN A 113 -0.52 -16.76 -5.80
C ASN A 113 0.54 -15.68 -5.58
N ILE A 114 0.14 -14.51 -5.07
CA ILE A 114 1.08 -13.42 -4.98
C ILE A 114 2.21 -13.71 -3.96
N ARG A 115 1.94 -14.64 -3.03
CA ARG A 115 2.86 -14.98 -1.94
C ARG A 115 4.03 -15.88 -2.37
N ASN A 116 3.72 -16.99 -3.03
CA ASN A 116 4.78 -17.90 -3.46
C ASN A 116 4.98 -17.97 -4.98
N LEU A 117 4.16 -17.23 -5.72
CA LEU A 117 4.24 -17.15 -7.18
C LEU A 117 3.97 -18.45 -7.92
N ARG A 118 3.21 -19.32 -7.27
CA ARG A 118 2.88 -20.62 -7.83
C ARG A 118 1.69 -20.44 -8.76
N GLN A 119 1.77 -20.96 -9.98
CA GLN A 119 0.63 -20.88 -10.90
C GLN A 119 -0.56 -21.65 -10.34
N VAL A 120 -1.75 -21.08 -10.52
CA VAL A 120 -2.98 -21.57 -9.97
C VAL A 120 -4.06 -21.73 -11.02
N ARG A 121 -4.08 -20.87 -12.04
CA ARG A 121 -5.09 -20.95 -13.09
C ARG A 121 -4.51 -20.39 -14.41
N SER A 122 -5.06 -20.77 -15.56
CA SER A 122 -4.72 -20.19 -16.89
C SER A 122 -6.02 -19.74 -17.48
N PHE A 123 -6.05 -18.81 -18.42
CA PHE A 123 -7.31 -18.53 -19.08
C PHE A 123 -6.99 -18.07 -20.50
N ASN A 124 -7.99 -18.03 -21.37
CA ASN A 124 -7.77 -17.73 -22.76
C ASN A 124 -8.46 -16.43 -23.07
N TYR A 125 -7.92 -15.66 -24.01
CA TYR A 125 -8.64 -14.48 -24.51
C TYR A 125 -8.21 -14.26 -25.95
N ASP A 126 -8.94 -13.42 -26.68
CA ASP A 126 -8.59 -13.13 -28.06
C ASP A 126 -7.62 -11.98 -28.23
N GLY A 127 -6.84 -12.04 -29.29
CA GLY A 127 -5.97 -10.95 -29.63
C GLY A 127 -4.70 -11.00 -28.80
N GLU A 128 -4.06 -9.83 -28.77
CA GLU A 128 -2.83 -9.65 -28.04
C GLU A 128 -3.09 -9.11 -26.63
N GLY A 129 -2.16 -9.35 -25.74
CA GLY A 129 -2.18 -8.76 -24.43
C GLY A 129 -1.02 -7.79 -24.24
N TRP A 130 -1.32 -6.50 -24.05
CA TRP A 130 -0.23 -5.60 -23.66
C TRP A 130 -0.25 -5.28 -22.17
N GLY A 131 -1.04 -4.27 -21.78
CA GLY A 131 -1.13 -3.88 -20.38
C GLY A 131 -2.36 -4.36 -19.61
N LEU A 132 -2.28 -4.25 -18.30
CA LEU A 132 -3.28 -4.80 -17.42
C LEU A 132 -3.19 -4.02 -16.13
N THR A 133 -4.36 -3.55 -15.69
CA THR A 133 -4.53 -3.04 -14.37
C THR A 133 -5.89 -3.49 -13.81
N HIS A 134 -6.41 -2.79 -12.81
CA HIS A 134 -7.69 -3.11 -12.22
C HIS A 134 -8.30 -1.90 -11.46
N ASN A 135 -9.63 -1.89 -11.32
CA ASN A 135 -10.25 -0.98 -10.38
C ASN A 135 -10.92 -1.86 -9.34
N ASP A 136 -11.95 -1.39 -8.65
CA ASP A 136 -12.47 -2.21 -7.57
C ASP A 136 -13.28 -3.44 -8.00
N GLN A 137 -13.82 -3.39 -9.22
CA GLN A 137 -14.65 -4.47 -9.78
C GLN A 137 -13.95 -5.28 -10.90
N TYR A 138 -13.01 -4.67 -11.63
CA TYR A 138 -12.56 -5.27 -12.91
C TYR A 138 -11.06 -5.31 -13.16
N LEU A 139 -10.62 -6.37 -13.81
CA LEU A 139 -9.32 -6.35 -14.43
C LEU A 139 -9.50 -5.51 -15.70
N ILE A 140 -8.51 -4.68 -16.03
CA ILE A 140 -8.57 -3.82 -17.24
C ILE A 140 -7.34 -4.01 -18.12
N MET A 141 -7.56 -4.35 -19.41
CA MET A 141 -6.44 -4.73 -20.27
C MET A 141 -6.38 -3.95 -21.57
N SER A 142 -5.16 -3.68 -22.00
CA SER A 142 -4.93 -3.09 -23.29
C SER A 142 -4.26 -4.11 -24.19
N ASP A 143 -4.24 -3.82 -25.49
CA ASP A 143 -3.63 -4.69 -26.47
C ASP A 143 -3.07 -3.94 -27.69
N GLY A 144 -2.65 -2.67 -27.50
CA GLY A 144 -2.08 -1.91 -28.58
C GLY A 144 -3.10 -1.27 -29.50
N THR A 145 -4.36 -1.64 -29.36
CA THR A 145 -5.43 -0.95 -30.14
C THR A 145 -5.98 0.13 -29.28
N PRO A 146 -6.98 0.88 -29.78
CA PRO A 146 -7.61 1.92 -28.92
C PRO A 146 -8.61 1.35 -27.92
N VAL A 147 -8.85 0.06 -28.00
CA VAL A 147 -9.95 -0.59 -27.28
C VAL A 147 -9.43 -1.30 -26.02
N LEU A 148 -9.93 -0.83 -24.87
CA LEU A 148 -9.59 -1.40 -23.56
C LEU A 148 -10.66 -2.34 -23.12
N ARG A 149 -10.24 -3.52 -22.64
CA ARG A 149 -11.15 -4.59 -22.14
C ARG A 149 -11.31 -4.63 -20.60
N PHE A 150 -12.54 -4.56 -20.09
CA PHE A 150 -12.87 -4.77 -18.66
C PHE A 150 -13.24 -6.24 -18.43
N LEU A 151 -12.45 -6.91 -17.62
CA LEU A 151 -12.65 -8.32 -17.40
C LEU A 151 -13.29 -8.61 -16.05
N ASP A 152 -14.19 -9.59 -16.04
CA ASP A 152 -14.69 -10.13 -14.81
C ASP A 152 -13.56 -10.91 -14.15
N PRO A 153 -13.16 -10.50 -12.93
CA PRO A 153 -12.02 -11.12 -12.27
C PRO A 153 -12.28 -12.61 -12.01
N GLU A 154 -13.56 -12.99 -11.99
CA GLU A 154 -13.91 -14.40 -11.75
C GLU A 154 -13.95 -15.27 -13.00
N SER A 155 -14.73 -14.87 -13.98
CA SER A 155 -14.75 -15.59 -15.26
C SER A 155 -13.50 -15.30 -16.08
N LEU A 156 -12.87 -14.16 -15.85
CA LEU A 156 -11.79 -13.73 -16.70
C LEU A 156 -12.20 -13.69 -18.19
N THR A 157 -13.32 -13.04 -18.49
CA THR A 157 -13.75 -12.76 -19.84
C THR A 157 -14.28 -11.31 -19.88
N PRO A 158 -14.21 -10.62 -21.03
CA PRO A 158 -14.63 -9.20 -21.06
C PRO A 158 -16.11 -8.96 -20.81
N VAL A 159 -16.47 -7.91 -20.08
CA VAL A 159 -17.90 -7.60 -19.93
C VAL A 159 -18.26 -6.26 -20.48
N ARG A 160 -17.27 -5.39 -20.60
CA ARG A 160 -17.45 -4.09 -21.21
C ARG A 160 -16.14 -3.84 -21.97
N THR A 161 -16.21 -2.97 -22.99
CA THR A 161 -15.03 -2.36 -23.56
C THR A 161 -15.28 -0.88 -23.64
N ILE A 162 -14.21 -0.09 -23.67
CA ILE A 162 -14.35 1.30 -24.04
C ILE A 162 -13.37 1.59 -25.17
N THR A 163 -13.68 2.60 -25.97
CA THR A 163 -12.79 2.99 -27.05
C THR A 163 -12.13 4.30 -26.69
N VAL A 164 -10.81 4.33 -26.80
CA VAL A 164 -10.07 5.49 -26.30
C VAL A 164 -9.85 6.56 -27.33
N THR A 165 -10.23 7.80 -26.98
CA THR A 165 -10.13 8.89 -27.96
C THR A 165 -9.39 10.11 -27.41
N ALA A 166 -8.62 10.79 -28.28
CA ALA A 166 -7.99 12.07 -27.95
C ALA A 166 -8.56 13.00 -29.01
N HIS A 167 -8.88 14.25 -28.65
CA HIS A 167 -9.75 15.16 -29.47
C HIS A 167 -10.64 14.39 -30.47
N GLY A 168 -11.57 13.56 -29.97
CA GLY A 168 -12.41 12.75 -30.85
C GLY A 168 -11.76 11.64 -31.67
N GLU A 169 -10.42 11.61 -31.71
CA GLU A 169 -9.62 10.63 -32.51
C GLU A 169 -9.33 9.36 -31.75
N GLU A 170 -9.46 8.22 -32.42
CA GLU A 170 -9.09 6.92 -31.82
C GLU A 170 -7.59 6.90 -31.46
N LEU A 171 -7.25 6.45 -30.25
CA LEU A 171 -5.85 6.50 -29.79
C LEU A 171 -5.27 5.08 -29.67
N PRO A 172 -4.55 4.62 -30.71
CA PRO A 172 -4.03 3.25 -30.58
C PRO A 172 -2.71 3.24 -29.85
N GLU A 173 -2.16 2.05 -29.65
CA GLU A 173 -0.81 1.83 -29.03
C GLU A 173 -0.84 1.80 -27.48
N LEU A 174 -2.00 1.62 -26.90
CA LEU A 174 -2.13 1.67 -25.45
C LEU A 174 -1.35 0.50 -24.87
N ASN A 175 -0.43 0.79 -23.96
CA ASN A 175 0.48 -0.23 -23.46
C ASN A 175 0.30 -0.44 -21.95
N GLU A 176 1.34 -0.29 -21.15
CA GLU A 176 1.19 -0.60 -19.78
C GLU A 176 0.12 0.32 -19.15
N LEU A 177 -0.65 -0.22 -18.21
CA LEU A 177 -1.68 0.52 -17.57
C LEU A 177 -1.49 0.62 -16.07
N GLU A 178 -2.20 1.62 -15.53
CA GLU A 178 -2.30 1.73 -14.09
C GLU A 178 -3.52 2.58 -13.72
N TRP A 179 -4.31 2.06 -12.79
CA TRP A 179 -5.48 2.78 -12.34
C TRP A 179 -5.00 3.77 -11.33
N VAL A 180 -5.16 5.05 -11.64
CA VAL A 180 -4.73 6.12 -10.73
C VAL A 180 -5.92 7.06 -10.43
N ASP A 181 -6.31 7.13 -9.16
CA ASP A 181 -7.27 8.12 -8.64
C ASP A 181 -8.50 8.26 -9.49
N GLY A 182 -9.22 7.18 -9.73
CA GLY A 182 -10.39 7.16 -10.65
C GLY A 182 -10.08 7.10 -12.14
N GLU A 183 -8.81 6.97 -12.50
CA GLU A 183 -8.50 7.00 -13.92
C GLU A 183 -7.58 5.88 -14.37
N ILE A 184 -7.64 5.61 -15.69
CA ILE A 184 -6.69 4.69 -16.33
C ILE A 184 -5.52 5.50 -16.91
N PHE A 185 -4.33 5.28 -16.37
CA PHE A 185 -3.10 5.81 -16.94
C PHE A 185 -2.58 4.75 -17.84
N ALA A 186 -2.17 5.16 -19.04
CA ALA A 186 -1.72 4.22 -20.05
C ALA A 186 -0.51 4.84 -20.73
N ASN A 187 0.57 4.07 -20.85
CA ASN A 187 1.71 4.44 -21.70
C ASN A 187 1.18 4.34 -23.09
N VAL A 188 1.56 5.26 -23.94
CA VAL A 188 1.27 5.17 -25.35
C VAL A 188 2.58 4.77 -25.99
N TRP A 189 2.67 3.51 -26.43
CA TRP A 189 3.91 2.93 -26.88
C TRP A 189 4.62 3.79 -27.93
N GLN A 190 5.89 4.13 -27.67
CA GLN A 190 6.78 4.78 -28.63
C GLN A 190 6.61 6.27 -28.58
N THR A 191 5.94 6.73 -27.53
CA THR A 191 5.98 8.14 -27.20
C THR A 191 6.50 8.20 -25.80
N ASN A 192 6.74 9.40 -25.33
CA ASN A 192 7.07 9.61 -23.96
C ASN A 192 5.89 10.16 -23.17
N LYS A 193 4.71 9.80 -23.61
CA LYS A 193 3.58 10.33 -22.93
C LYS A 193 2.78 9.26 -22.22
N ILE A 194 2.05 9.71 -21.20
CA ILE A 194 1.07 8.88 -20.51
C ILE A 194 -0.27 9.58 -20.64
N VAL A 195 -1.26 8.86 -21.12
CA VAL A 195 -2.60 9.40 -21.16
C VAL A 195 -3.46 9.05 -19.95
N ARG A 196 -4.24 10.02 -19.50
CA ARG A 196 -5.22 9.78 -18.45
C ARG A 196 -6.52 9.66 -19.16
N ILE A 197 -7.11 8.48 -19.00
CA ILE A 197 -8.35 8.11 -19.64
C ILE A 197 -9.47 8.03 -18.62
N ASP A 198 -10.51 8.80 -18.87
CA ASP A 198 -11.80 8.59 -18.24
C ASP A 198 -12.33 7.18 -18.56
N PRO A 199 -12.52 6.32 -17.52
CA PRO A 199 -12.91 4.92 -17.74
C PRO A 199 -14.34 4.80 -18.24
N GLU A 200 -15.14 5.83 -17.97
CA GLU A 200 -16.53 5.79 -18.35
C GLU A 200 -16.70 5.99 -19.85
N THR A 201 -16.06 7.04 -20.40
CA THR A 201 -16.24 7.49 -21.78
C THR A 201 -15.09 7.06 -22.67
N GLY A 202 -13.94 6.83 -22.07
CA GLY A 202 -12.75 6.43 -22.82
C GLY A 202 -12.03 7.64 -23.36
N LYS A 203 -12.49 8.84 -23.01
CA LYS A 203 -11.86 10.06 -23.49
C LYS A 203 -10.56 10.33 -22.75
N VAL A 204 -9.54 10.78 -23.50
CA VAL A 204 -8.33 11.18 -22.87
C VAL A 204 -8.70 12.50 -22.20
N THR A 205 -8.53 12.55 -20.89
CA THR A 205 -8.80 13.76 -20.13
C THR A 205 -7.51 14.51 -19.82
N GLY A 206 -6.36 13.90 -20.13
CA GLY A 206 -5.08 14.48 -19.73
C GLY A 206 -3.88 13.78 -20.28
N ILE A 207 -2.80 14.52 -20.47
CA ILE A 207 -1.61 13.99 -21.08
C ILE A 207 -0.41 14.27 -20.16
N ILE A 208 0.31 13.23 -19.78
CA ILE A 208 1.51 13.41 -18.98
C ILE A 208 2.68 13.33 -19.93
N ASP A 209 3.51 14.36 -19.86
CA ASP A 209 4.61 14.50 -20.76
C ASP A 209 5.88 14.17 -20.05
N LEU A 210 6.46 13.03 -20.38
CA LEU A 210 7.71 12.64 -19.76
C LEU A 210 8.96 12.84 -20.62
N ASN A 211 8.87 13.68 -21.67
CA ASN A 211 10.02 13.88 -22.56
C ASN A 211 11.13 14.47 -21.73
N GLY A 212 12.33 13.98 -21.95
CA GLY A 212 13.53 14.57 -21.36
C GLY A 212 13.79 14.01 -19.99
N ILE A 213 12.90 13.14 -19.49
CA ILE A 213 13.07 12.59 -18.15
C ILE A 213 14.33 11.74 -18.08
N LEU A 214 14.78 11.25 -19.23
CA LEU A 214 15.88 10.31 -19.24
C LEU A 214 17.16 11.08 -18.96
N ALA A 215 17.14 12.35 -19.35
CA ALA A 215 18.28 13.23 -19.08
C ALA A 215 18.55 13.31 -17.57
N GLU A 216 17.54 12.96 -16.77
CA GLU A 216 17.62 13.06 -15.29
C GLU A 216 18.01 11.72 -14.68
N ALA A 217 18.36 10.77 -15.55
CA ALA A 217 18.32 9.36 -15.20
C ALA A 217 19.67 8.84 -14.75
N GLY A 218 20.67 9.72 -14.81
CA GLY A 218 22.05 9.28 -14.59
C GLY A 218 22.66 8.78 -15.89
N PRO A 219 23.79 8.05 -15.80
CA PRO A 219 24.43 7.58 -17.06
C PRO A 219 23.57 6.50 -17.75
N LEU A 220 23.41 6.61 -19.06
CA LEU A 220 22.50 5.68 -19.75
C LEU A 220 23.17 4.36 -20.19
N PRO A 221 22.41 3.22 -20.11
CA PRO A 221 22.95 2.00 -20.65
C PRO A 221 22.88 1.97 -22.18
N SER A 222 23.68 1.07 -22.73
CA SER A 222 23.59 0.71 -24.15
C SER A 222 23.24 -0.80 -24.18
N PRO A 223 22.07 -1.12 -24.74
CA PRO A 223 21.11 -0.12 -25.22
C PRO A 223 20.07 0.33 -24.14
N ILE A 224 19.17 1.21 -24.54
CA ILE A 224 18.12 1.70 -23.71
C ILE A 224 16.91 1.66 -24.64
N ASP A 225 15.72 1.46 -24.08
CA ASP A 225 14.51 1.30 -24.84
C ASP A 225 13.46 2.23 -24.26
N VAL A 226 12.19 1.91 -24.44
CA VAL A 226 11.22 2.97 -24.35
C VAL A 226 10.51 3.01 -23.02
N LEU A 227 10.02 4.20 -22.72
CA LEU A 227 9.13 4.47 -21.63
C LEU A 227 8.06 3.43 -21.64
N ASN A 228 7.78 2.84 -20.48
CA ASN A 228 6.71 1.87 -20.31
C ASN A 228 6.79 1.33 -18.90
N GLY A 229 5.69 1.49 -18.15
CA GLY A 229 5.62 0.97 -16.80
C GLY A 229 5.14 2.05 -15.85
N ILE A 230 3.95 1.87 -15.28
CA ILE A 230 3.41 2.88 -14.36
C ILE A 230 2.85 2.07 -13.22
N ALA A 231 3.26 2.42 -12.01
CA ALA A 231 2.79 1.78 -10.79
C ALA A 231 2.28 2.86 -9.85
N TRP A 232 1.35 2.50 -8.97
CA TRP A 232 0.72 3.49 -8.12
C TRP A 232 0.51 2.90 -6.76
N ASP A 233 0.82 3.67 -5.72
CA ASP A 233 0.55 3.26 -4.32
C ASP A 233 -0.65 4.08 -3.87
N LYS A 234 -1.84 3.46 -3.76
CA LYS A 234 -3.10 4.18 -3.44
C LYS A 234 -3.00 4.80 -2.06
N GLU A 235 -2.45 4.05 -1.12
CA GLU A 235 -2.45 4.56 0.25
C GLU A 235 -1.78 5.94 0.43
N HIS A 236 -0.51 6.00 0.04
CA HIS A 236 0.26 7.22 -0.03
C HIS A 236 0.21 8.06 -1.30
N HIS A 237 -0.53 7.65 -2.32
CA HIS A 237 -0.59 8.44 -3.56
C HIS A 237 0.84 8.68 -4.12
N ARG A 238 1.55 7.61 -4.36
CA ARG A 238 2.88 7.71 -4.99
C ARG A 238 2.82 7.08 -6.37
N LEU A 239 3.13 7.87 -7.40
CA LEU A 239 3.20 7.44 -8.80
C LEU A 239 4.62 7.10 -9.27
N PHE A 240 4.81 5.91 -9.83
CA PHE A 240 6.14 5.50 -10.26
C PHE A 240 6.10 5.18 -11.74
N VAL A 241 7.06 5.71 -12.49
CA VAL A 241 7.13 5.44 -13.91
C VAL A 241 8.51 4.88 -14.20
N THR A 242 8.55 3.99 -15.18
CA THR A 242 9.84 3.51 -15.68
C THR A 242 9.76 3.16 -17.17
N GLY A 243 10.68 2.32 -17.64
CA GLY A 243 10.69 1.96 -19.04
C GLY A 243 11.69 0.87 -19.34
N LYS A 244 11.63 0.35 -20.56
CA LYS A 244 12.39 -0.86 -20.87
C LYS A 244 13.87 -0.57 -20.91
N LEU A 245 14.64 -1.39 -20.19
CA LEU A 245 16.08 -1.21 -19.97
C LEU A 245 16.46 0.11 -19.25
N TRP A 246 15.49 0.82 -18.68
CA TRP A 246 15.82 2.06 -17.97
C TRP A 246 16.66 1.76 -16.72
N PRO A 247 17.58 2.70 -16.36
CA PRO A 247 18.40 2.53 -15.18
C PRO A 247 17.73 3.01 -13.93
N LYS A 248 16.62 3.72 -14.06
CA LYS A 248 15.91 4.23 -12.88
C LYS A 248 14.42 3.90 -12.99
N VAL A 249 13.80 3.73 -11.82
CA VAL A 249 12.38 4.02 -11.71
C VAL A 249 12.24 5.40 -11.11
N PHE A 250 11.29 6.19 -11.59
CA PHE A 250 11.11 7.53 -11.04
C PHE A 250 9.84 7.65 -10.27
N GLU A 251 9.92 8.11 -9.02
CA GLU A 251 8.74 8.61 -8.33
C GLU A 251 8.47 10.06 -8.75
N ILE A 252 7.28 10.35 -9.25
CA ILE A 252 6.97 11.66 -9.75
C ILE A 252 5.64 12.26 -9.22
N THR A 253 5.56 13.58 -9.13
CA THR A 253 4.27 14.23 -8.88
C THR A 253 3.94 14.96 -10.18
N LEU A 254 2.71 15.45 -10.36
CA LEU A 254 2.36 16.16 -11.60
C LEU A 254 1.98 17.60 -11.33
N THR A 255 2.33 18.46 -12.28
CA THR A 255 1.90 19.85 -12.27
C THR A 255 1.28 20.09 -13.62
N GLN A 256 0.06 20.59 -13.61
CA GLN A 256 -0.57 20.96 -14.85
C GLN A 256 0.18 22.13 -15.46
N ARG A 257 0.44 22.06 -16.78
CA ARG A 257 1.22 23.07 -17.50
C ARG A 257 0.50 24.41 -17.65
N VAL A 258 1.28 25.52 -17.54
CA VAL A 258 0.86 26.94 -17.84
C VAL A 258 -0.63 27.16 -18.09
N SER B 25 7.38 -23.20 21.65
CA SER B 25 8.28 -22.47 22.60
C SER B 25 7.96 -20.95 22.82
N ILE B 26 7.74 -20.18 21.75
CA ILE B 26 7.09 -18.86 21.95
C ILE B 26 5.58 -19.07 21.95
N PRO B 27 4.92 -18.84 23.09
CA PRO B 27 3.49 -19.15 23.21
C PRO B 27 2.62 -18.44 22.14
N ILE B 28 1.76 -19.19 21.47
CA ILE B 28 0.81 -18.66 20.50
C ILE B 28 -0.60 -18.49 21.10
N TYR B 29 -1.27 -17.42 20.69
CA TYR B 29 -2.62 -17.12 21.17
C TYR B 29 -3.57 -17.08 20.00
N ASP B 30 -4.71 -17.74 20.18
CA ASP B 30 -5.83 -17.62 19.23
C ASP B 30 -6.92 -16.63 19.69
N TYR B 31 -7.77 -16.18 18.79
CA TYR B 31 -8.70 -15.14 19.22
C TYR B 31 -10.05 -15.77 19.45
N GLN B 32 -10.88 -15.09 20.24
CA GLN B 32 -12.31 -15.36 20.24
C GLN B 32 -12.96 -14.02 20.06
N ILE B 33 -13.86 -13.91 19.10
CA ILE B 33 -14.55 -12.65 18.89
C ILE B 33 -15.64 -12.52 19.92
N VAL B 34 -15.53 -11.46 20.69
CA VAL B 34 -16.56 -11.11 21.66
C VAL B 34 -17.58 -10.20 21.01
N HIS B 35 -17.16 -9.21 20.24
CA HIS B 35 -18.15 -8.37 19.48
C HIS B 35 -17.46 -7.94 18.18
N SER B 36 -18.26 -7.38 17.27
CA SER B 36 -17.80 -6.87 15.98
C SER B 36 -18.47 -5.53 15.74
N TYR B 37 -17.72 -4.48 15.42
CA TYR B 37 -18.38 -3.20 15.17
C TYR B 37 -18.07 -2.77 13.76
N PRO B 38 -19.02 -2.06 13.12
CA PRO B 38 -18.67 -1.56 11.81
C PRO B 38 -17.38 -0.72 11.86
N HIS B 39 -16.67 -0.81 10.76
CA HIS B 39 -15.55 0.06 10.54
C HIS B 39 -15.63 0.53 9.07
N ASP B 40 -15.37 1.82 8.88
CA ASP B 40 -15.29 2.50 7.61
C ASP B 40 -14.39 1.75 6.61
N THR B 41 -15.02 1.13 5.61
CA THR B 41 -14.27 0.33 4.66
C THR B 41 -13.36 1.17 3.74
N LYS B 42 -13.33 2.48 3.92
CA LYS B 42 -12.53 3.36 3.06
C LYS B 42 -11.33 3.92 3.79
N ALA B 43 -11.17 3.51 5.04
CA ALA B 43 -10.23 4.06 5.97
C ALA B 43 -8.99 3.19 6.10
N PHE B 44 -7.88 3.73 5.59
CA PHE B 44 -6.60 3.12 5.79
C PHE B 44 -6.14 3.40 7.21
N THR B 45 -6.37 2.45 8.12
CA THR B 45 -5.97 2.57 9.53
C THR B 45 -4.47 2.65 9.82
N GLU B 46 -3.99 3.84 10.24
CA GLU B 46 -2.57 4.07 10.60
C GLU B 46 -2.23 4.12 12.09
N GLY B 47 -3.27 4.34 12.93
CA GLY B 47 -3.17 4.41 14.36
C GLY B 47 -4.55 4.35 14.96
N PHE B 48 -4.65 3.81 16.16
CA PHE B 48 -5.91 3.38 16.70
C PHE B 48 -5.69 3.22 18.17
N PHE B 49 -6.55 3.88 18.97
CA PHE B 49 -6.57 3.69 20.44
C PHE B 49 -7.96 3.89 20.95
N TYR B 50 -8.19 3.38 22.16
CA TYR B 50 -9.46 3.52 22.82
C TYR B 50 -9.25 4.61 23.87
N ARG B 51 -10.27 5.47 24.03
CA ARG B 51 -10.29 6.38 25.17
C ARG B 51 -11.74 6.85 25.39
N ASN B 52 -12.23 6.62 26.62
CA ASN B 52 -13.44 7.25 27.12
C ASN B 52 -14.72 6.92 26.37
N GLY B 53 -15.03 5.62 26.28
CA GLY B 53 -16.08 5.04 25.44
C GLY B 53 -15.99 5.37 23.96
N TYR B 54 -14.84 5.93 23.50
CA TYR B 54 -14.64 6.28 22.07
C TYR B 54 -13.41 5.67 21.38
N PHE B 55 -13.49 5.53 20.05
CA PHE B 55 -12.29 5.09 19.34
C PHE B 55 -11.64 6.32 18.77
N TYR B 56 -10.32 6.24 18.67
CA TYR B 56 -9.56 7.23 17.98
C TYR B 56 -8.67 6.60 16.95
N GLU B 57 -8.67 7.23 15.80
CA GLU B 57 -8.08 6.61 14.65
C GLU B 57 -7.38 7.61 13.72
N SER B 58 -6.16 7.27 13.37
CA SER B 58 -5.45 7.93 12.27
C SER B 58 -5.73 7.25 10.96
N THR B 59 -6.41 7.96 10.06
CA THR B 59 -6.89 7.37 8.81
C THR B 59 -6.42 8.07 7.54
N GLY B 60 -5.92 7.26 6.58
CA GLY B 60 -5.72 7.70 5.21
C GLY B 60 -7.04 7.53 4.50
N LEU B 61 -7.56 8.59 3.88
CA LEU B 61 -8.93 8.54 3.32
C LEU B 61 -9.01 8.98 1.85
N ASN B 62 -7.82 9.12 1.24
CA ASN B 62 -7.57 9.25 -0.23
C ASN B 62 -6.26 9.98 -0.51
N GLY B 63 -5.17 9.43 0.01
CA GLY B 63 -3.93 10.18 0.15
C GLY B 63 -3.95 11.25 1.25
N ARG B 64 -5.14 11.81 1.58
CA ARG B 64 -5.26 12.80 2.66
C ARG B 64 -5.31 12.11 3.99
N SER B 65 -4.51 12.59 4.94
CA SER B 65 -4.51 12.08 6.28
C SER B 65 -5.56 12.79 7.15
N SER B 66 -6.27 11.98 7.93
CA SER B 66 -7.24 12.46 8.88
C SER B 66 -6.97 11.91 10.25
N ILE B 67 -7.54 12.57 11.29
CA ILE B 67 -7.53 12.12 12.69
C ILE B 67 -8.96 12.23 13.22
N ARG B 68 -9.52 11.14 13.72
CA ARG B 68 -10.95 11.14 13.97
C ARG B 68 -11.39 10.45 15.27
N LYS B 69 -12.51 10.95 15.82
CA LYS B 69 -13.17 10.39 16.97
C LYS B 69 -14.37 9.62 16.44
N VAL B 70 -14.39 8.33 16.75
CA VAL B 70 -15.38 7.42 16.18
C VAL B 70 -16.29 6.84 17.28
N ASP B 71 -17.58 6.79 16.97
CA ASP B 71 -18.51 6.06 17.81
C ASP B 71 -18.18 4.56 17.71
N ILE B 72 -18.01 3.89 18.85
CA ILE B 72 -17.69 2.49 18.80
C ILE B 72 -18.79 1.65 18.15
N GLU B 73 -20.05 1.89 18.52
CA GLU B 73 -21.16 1.02 18.10
C GLU B 73 -21.28 1.09 16.61
N SER B 74 -21.28 2.33 16.10
CA SER B 74 -21.65 2.55 14.70
C SER B 74 -20.48 2.71 13.77
N GLY B 75 -19.28 2.84 14.33
CA GLY B 75 -18.07 3.16 13.52
C GLY B 75 -18.14 4.48 12.74
N LYS B 76 -19.23 5.23 12.95
CA LYS B 76 -19.41 6.58 12.41
C LYS B 76 -18.46 7.56 13.05
N THR B 77 -18.06 8.55 12.26
CA THR B 77 -17.15 9.56 12.71
C THR B 77 -17.92 10.70 13.37
N LEU B 78 -17.47 11.07 14.55
CA LEU B 78 -18.17 12.02 15.37
C LEU B 78 -17.47 13.34 15.23
N GLN B 79 -16.19 13.29 14.88
CA GLN B 79 -15.33 14.45 14.97
C GLN B 79 -14.01 14.15 14.31
N GLN B 80 -13.45 15.13 13.62
CA GLN B 80 -12.26 14.86 12.85
C GLN B 80 -11.55 16.14 12.51
N ILE B 81 -10.25 16.04 12.30
CA ILE B 81 -9.51 17.08 11.59
C ILE B 81 -8.75 16.44 10.45
N GLU B 82 -8.66 17.18 9.35
CA GLU B 82 -7.96 16.75 8.16
C GLU B 82 -6.55 17.33 8.27
N LEU B 83 -5.51 16.48 8.16
CA LEU B 83 -4.09 16.92 8.24
C LEU B 83 -3.68 17.70 6.98
N GLY B 84 -2.74 18.61 7.11
CA GLY B 84 -2.22 19.33 5.92
C GLY B 84 -1.78 18.44 4.75
N LYS B 85 -2.09 18.89 3.53
CA LYS B 85 -1.73 18.19 2.30
C LYS B 85 -0.38 17.46 2.28
N ARG B 86 0.67 18.06 2.85
CA ARG B 86 2.00 17.47 2.67
C ARG B 86 2.33 16.40 3.71
N TYR B 87 1.42 16.19 4.66
CA TYR B 87 1.72 15.28 5.77
C TYR B 87 1.11 13.95 5.50
N PHE B 88 1.77 12.88 5.90
CA PHE B 88 1.06 11.64 5.96
C PHE B 88 0.98 11.07 7.35
N GLY B 89 -0.24 11.11 7.89
CA GLY B 89 -0.50 10.68 9.26
C GLY B 89 -0.32 9.18 9.53
N GLU B 90 0.47 8.92 10.56
CA GLU B 90 0.68 7.60 11.06
C GLU B 90 0.14 7.43 12.50
N GLY B 91 0.92 6.75 13.36
CA GLY B 91 0.52 6.42 14.72
C GLY B 91 0.00 7.58 15.55
N ILE B 92 -0.96 7.28 16.42
CA ILE B 92 -1.53 8.19 17.39
C ILE B 92 -1.74 7.44 18.70
N SER B 93 -1.67 8.19 19.81
CA SER B 93 -1.84 7.72 21.17
C SER B 93 -2.27 8.94 21.96
N ASP B 94 -2.87 8.72 23.11
CA ASP B 94 -3.32 9.84 23.87
C ASP B 94 -2.22 10.08 24.91
N TRP B 95 -2.17 11.28 25.45
CA TRP B 95 -1.34 11.51 26.61
C TRP B 95 -1.89 12.69 27.41
N LYS B 96 -2.30 12.36 28.66
CA LYS B 96 -3.12 13.22 29.51
C LYS B 96 -4.31 13.78 28.72
N ASP B 97 -4.31 15.09 28.42
CA ASP B 97 -5.45 15.68 27.67
C ASP B 97 -5.16 15.84 26.17
N LYS B 98 -4.07 15.23 25.74
CA LYS B 98 -3.66 15.33 24.37
C LYS B 98 -3.75 14.02 23.58
N ILE B 99 -3.79 14.18 22.26
CA ILE B 99 -3.38 13.16 21.31
C ILE B 99 -2.03 13.59 20.65
N VAL B 100 -1.03 12.70 20.69
CA VAL B 100 0.22 12.83 19.93
C VAL B 100 0.08 12.07 18.60
N GLY B 101 0.76 12.50 17.55
CA GLY B 101 0.55 11.87 16.23
C GLY B 101 1.75 11.87 15.30
N LEU B 102 2.09 10.73 14.70
CA LEU B 102 3.25 10.63 13.82
C LEU B 102 2.96 10.91 12.32
N THR B 103 4.01 11.26 11.60
CA THR B 103 3.92 11.33 10.14
C THR B 103 4.89 10.28 9.62
N TRP B 104 4.62 9.83 8.41
CA TRP B 104 5.33 8.68 7.85
C TRP B 104 6.80 9.05 7.59
N LYS B 105 6.97 10.05 6.73
CA LYS B 105 8.28 10.42 6.25
C LYS B 105 8.62 11.87 6.55
N ASN B 106 7.67 12.67 7.06
CA ASN B 106 7.92 14.10 7.24
C ASN B 106 8.82 14.43 8.39
N GLY B 107 9.19 13.47 9.25
CA GLY B 107 10.00 13.72 10.45
C GLY B 107 9.34 14.69 11.44
N LEU B 108 8.04 14.96 11.25
CA LEU B 108 7.31 15.92 12.07
C LEU B 108 6.26 15.16 12.87
N GLY B 109 6.02 15.56 14.12
CA GLY B 109 4.93 15.00 14.91
C GLY B 109 4.04 16.09 15.38
N PHE B 110 2.81 15.74 15.73
CA PHE B 110 1.85 16.69 16.30
C PHE B 110 1.38 16.36 17.70
N VAL B 111 0.94 17.39 18.43
CA VAL B 111 0.20 17.22 19.69
C VAL B 111 -1.10 18.01 19.52
N TRP B 112 -2.26 17.37 19.83
CA TRP B 112 -3.59 18.06 19.79
C TRP B 112 -4.28 17.98 21.17
N ASN B 113 -4.94 19.07 21.55
CA ASN B 113 -6.00 19.02 22.60
C ASN B 113 -6.97 17.89 22.23
N ILE B 114 -7.19 16.91 23.11
CA ILE B 114 -8.06 15.79 22.75
C ILE B 114 -9.52 16.23 22.63
N ARG B 115 -9.90 17.35 23.26
CA ARG B 115 -11.29 17.80 23.28
C ARG B 115 -11.75 18.43 21.96
N ASN B 116 -10.99 19.40 21.44
CA ASN B 116 -11.38 20.07 20.19
C ASN B 116 -10.49 19.72 19.02
N LEU B 117 -9.49 18.87 19.26
CA LEU B 117 -8.48 18.45 18.28
C LEU B 117 -7.71 19.61 17.65
N ARG B 118 -7.53 20.67 18.42
CA ARG B 118 -6.75 21.80 17.94
C ARG B 118 -5.24 21.50 18.05
N GLN B 119 -4.47 21.79 17.01
CA GLN B 119 -2.99 21.69 17.11
C GLN B 119 -2.42 22.63 18.20
N VAL B 120 -1.59 22.09 19.08
CA VAL B 120 -1.00 22.79 20.21
C VAL B 120 0.51 22.85 20.04
N ARG B 121 1.08 21.83 19.40
CA ARG B 121 2.53 21.68 19.36
C ARG B 121 2.98 20.74 18.27
N SER B 122 4.16 20.99 17.70
CA SER B 122 4.87 20.09 16.78
C SER B 122 6.19 19.72 17.38
N PHE B 123 6.81 18.69 16.85
CA PHE B 123 8.15 18.29 17.25
C PHE B 123 8.77 17.51 16.08
N ASN B 124 10.09 17.39 16.09
CA ASN B 124 10.83 16.80 15.02
C ASN B 124 11.41 15.54 15.60
N TYR B 125 11.50 14.50 14.77
CA TYR B 125 12.22 13.29 15.13
C TYR B 125 12.81 12.72 13.84
N ASP B 126 13.75 11.81 14.02
CA ASP B 126 14.45 11.11 12.96
C ASP B 126 13.74 9.86 12.42
N GLY B 127 13.95 9.59 11.15
CA GLY B 127 13.45 8.39 10.55
C GLY B 127 11.97 8.53 10.22
N GLU B 128 11.36 7.36 10.11
CA GLU B 128 9.94 7.25 9.79
C GLU B 128 9.09 7.11 11.04
N GLY B 129 7.82 7.39 10.94
CA GLY B 129 6.98 7.07 12.07
C GLY B 129 5.88 6.10 11.68
N TRP B 130 5.85 4.94 12.34
CA TRP B 130 4.72 4.05 12.13
C TRP B 130 3.73 4.13 13.30
N GLY B 131 3.90 3.28 14.29
CA GLY B 131 2.99 3.29 15.40
C GLY B 131 3.50 3.97 16.65
N LEU B 132 2.54 4.27 17.50
CA LEU B 132 2.76 5.06 18.70
C LEU B 132 1.74 4.61 19.74
N THR B 133 2.25 4.30 20.91
CA THR B 133 1.44 4.12 22.09
C THR B 133 2.19 4.79 23.31
N HIS B 134 1.89 4.37 24.53
CA HIS B 134 2.44 4.96 25.74
C HIS B 134 2.24 4.01 26.95
N ASN B 135 3.11 4.11 27.96
CA ASN B 135 2.87 3.51 29.24
C ASN B 135 2.68 4.64 30.26
N ASP B 136 2.93 4.41 31.56
CA ASP B 136 2.68 5.49 32.55
C ASP B 136 3.69 6.65 32.51
N GLN B 137 4.88 6.38 32.00
CA GLN B 137 5.82 7.45 31.85
C GLN B 137 6.28 7.80 30.41
N TYR B 138 6.13 6.90 29.43
CA TYR B 138 6.62 7.23 28.07
C TYR B 138 5.67 7.08 26.89
N LEU B 139 5.98 7.82 25.85
CA LEU B 139 5.48 7.56 24.53
C LEU B 139 6.41 6.51 23.95
N ILE B 140 5.84 5.60 23.16
CA ILE B 140 6.60 4.50 22.58
C ILE B 140 6.29 4.46 21.11
N MET B 141 7.32 4.54 20.28
CA MET B 141 7.09 4.57 18.83
C MET B 141 7.80 3.50 18.02
N SER B 142 7.12 3.13 16.94
CA SER B 142 7.62 2.19 16.00
C SER B 142 7.85 2.91 14.67
N ASP B 143 8.71 2.34 13.83
CA ASP B 143 9.08 2.95 12.59
C ASP B 143 9.39 1.94 11.47
N GLY B 144 8.85 0.71 11.61
CA GLY B 144 9.08 -0.36 10.64
C GLY B 144 10.43 -1.06 10.80
N THR B 145 11.29 -0.60 11.69
CA THR B 145 12.57 -1.30 11.97
C THR B 145 12.32 -2.18 13.18
N PRO B 146 13.31 -2.99 13.59
CA PRO B 146 13.04 -3.72 14.86
C PRO B 146 13.19 -2.86 16.12
N VAL B 147 13.43 -1.57 15.96
CA VAL B 147 13.85 -0.65 17.03
C VAL B 147 12.68 0.27 17.51
N LEU B 148 12.31 0.10 18.81
CA LEU B 148 11.24 0.89 19.41
C LEU B 148 11.85 1.98 20.21
N ARG B 149 11.23 3.16 20.16
CA ARG B 149 11.74 4.32 20.85
C ARG B 149 10.84 4.80 21.98
N PHE B 150 11.39 4.89 23.18
CA PHE B 150 10.75 5.58 24.30
C PHE B 150 11.08 7.07 24.27
N LEU B 151 10.01 7.85 24.13
CA LEU B 151 10.06 9.31 24.12
C LEU B 151 9.65 9.86 25.49
N ASP B 152 10.39 10.86 25.94
CA ASP B 152 9.99 11.66 27.04
C ASP B 152 8.80 12.50 26.57
N PRO B 153 7.65 12.42 27.27
CA PRO B 153 6.41 13.09 26.77
C PRO B 153 6.48 14.60 26.76
N GLU B 154 7.42 15.18 27.54
CA GLU B 154 7.63 16.65 27.58
C GLU B 154 8.56 17.17 26.52
N SER B 155 9.82 16.74 26.57
CA SER B 155 10.84 17.10 25.58
C SER B 155 10.49 16.48 24.24
N LEU B 156 9.69 15.41 24.27
CA LEU B 156 9.35 14.65 23.09
C LEU B 156 10.62 14.22 22.31
N THR B 157 11.70 13.86 23.00
CA THR B 157 12.90 13.30 22.38
C THR B 157 13.14 11.94 23.05
N PRO B 158 13.80 10.99 22.34
CA PRO B 158 14.04 9.63 22.83
C PRO B 158 14.92 9.56 24.06
N VAL B 159 14.66 8.59 24.92
CA VAL B 159 15.41 8.43 26.14
C VAL B 159 15.95 6.99 26.23
N ARG B 160 15.26 6.06 25.58
CA ARG B 160 15.74 4.69 25.49
C ARG B 160 15.18 4.08 24.22
N THR B 161 15.88 3.05 23.73
CA THR B 161 15.44 2.27 22.58
C THR B 161 15.48 0.82 23.02
N ILE B 162 14.64 -0.02 22.44
CA ILE B 162 14.83 -1.43 22.53
C ILE B 162 14.83 -2.03 21.13
N THR B 163 15.54 -3.15 21.01
CA THR B 163 15.59 -3.94 19.78
C THR B 163 14.73 -5.21 19.94
N VAL B 164 13.81 -5.38 19.01
CA VAL B 164 12.81 -6.41 19.18
C VAL B 164 13.21 -7.68 18.48
N THR B 165 13.32 -8.75 19.24
CA THR B 165 13.77 -10.03 18.65
C THR B 165 12.79 -11.14 18.99
N ALA B 166 12.60 -12.09 18.05
CA ALA B 166 11.85 -13.33 18.28
C ALA B 166 12.82 -14.47 17.97
N HIS B 167 12.92 -15.45 18.88
CA HIS B 167 14.00 -16.44 18.87
C HIS B 167 15.37 -15.79 18.60
N GLY B 168 15.65 -14.64 19.19
CA GLY B 168 16.92 -13.94 18.92
C GLY B 168 17.01 -13.22 17.59
N GLU B 169 16.15 -13.52 16.62
CA GLU B 169 16.12 -12.79 15.34
C GLU B 169 15.47 -11.41 15.45
N GLU B 170 16.14 -10.42 14.89
CA GLU B 170 15.58 -9.06 14.88
C GLU B 170 14.24 -9.06 14.17
N LEU B 171 13.26 -8.36 14.73
CA LEU B 171 11.94 -8.43 14.14
C LEU B 171 11.54 -7.09 13.51
N PRO B 172 11.75 -6.91 12.19
CA PRO B 172 11.39 -5.60 11.63
C PRO B 172 9.91 -5.52 11.30
N GLU B 173 9.47 -4.41 10.69
CA GLU B 173 8.07 -4.19 10.23
C GLU B 173 7.07 -3.86 11.39
N LEU B 174 7.58 -3.49 12.56
CA LEU B 174 6.71 -3.20 13.68
C LEU B 174 5.89 -2.00 13.28
N ASN B 175 4.59 -2.17 13.33
CA ASN B 175 3.69 -1.14 12.86
C ASN B 175 2.79 -0.62 14.01
N GLU B 176 1.45 -0.59 13.89
CA GLU B 176 0.60 -0.08 15.00
C GLU B 176 0.94 -0.76 16.36
N LEU B 177 0.98 0.03 17.42
CA LEU B 177 1.35 -0.47 18.73
C LEU B 177 0.22 -0.25 19.75
N GLU B 178 0.22 -1.08 20.78
CA GLU B 178 -0.66 -0.79 21.87
C GLU B 178 -0.07 -1.34 23.15
N TRP B 179 -0.16 -0.53 24.20
CA TRP B 179 0.31 -1.00 25.46
C TRP B 179 -0.84 -1.75 26.11
N VAL B 180 -0.60 -3.00 26.46
CA VAL B 180 -1.64 -3.85 27.03
C VAL B 180 -1.03 -4.66 28.15
N ASP B 181 -1.58 -4.53 29.33
CA ASP B 181 -1.17 -5.25 30.53
C ASP B 181 0.34 -5.45 30.77
N GLY B 182 1.11 -4.39 30.87
CA GLY B 182 2.55 -4.51 31.08
C GLY B 182 3.37 -4.83 29.81
N GLU B 183 2.70 -4.92 28.65
CA GLU B 183 3.39 -5.30 27.41
C GLU B 183 3.14 -4.37 26.22
N ILE B 184 4.06 -4.39 25.26
CA ILE B 184 3.87 -3.70 23.99
C ILE B 184 3.27 -4.65 22.94
N PHE B 185 2.04 -4.41 22.48
CA PHE B 185 1.47 -5.28 21.43
C PHE B 185 1.79 -4.55 20.18
N ALA B 186 2.25 -5.28 19.17
CA ALA B 186 2.60 -4.63 17.88
C ALA B 186 2.11 -5.42 16.69
N ASN B 187 1.37 -4.79 15.81
CA ASN B 187 1.12 -5.34 14.48
C ASN B 187 2.47 -5.50 13.79
N VAL B 188 2.60 -6.59 13.04
CA VAL B 188 3.77 -6.80 12.22
C VAL B 188 3.33 -6.70 10.78
N TRP B 189 3.74 -5.62 10.13
CA TRP B 189 3.18 -5.29 8.85
C TRP B 189 3.21 -6.45 7.83
N GLN B 190 2.10 -6.64 7.15
CA GLN B 190 1.99 -7.60 6.02
C GLN B 190 2.00 -9.01 6.62
N THR B 191 1.61 -9.11 7.89
CA THR B 191 1.28 -10.40 8.50
C THR B 191 -0.05 -10.30 9.23
N ASN B 192 -0.62 -11.44 9.55
CA ASN B 192 -1.80 -11.38 10.37
C ASN B 192 -1.52 -11.68 11.83
N LYS B 193 -0.35 -11.27 12.30
CA LYS B 193 0.05 -11.61 13.61
C LYS B 193 0.34 -10.35 14.38
N ILE B 194 0.18 -10.44 15.70
CA ILE B 194 0.47 -9.32 16.57
C ILE B 194 1.43 -9.90 17.56
N VAL B 195 2.52 -9.22 17.81
CA VAL B 195 3.47 -9.72 18.79
C VAL B 195 3.39 -8.96 20.11
N ARG B 196 3.65 -9.71 21.18
CA ARG B 196 3.72 -9.18 22.52
C ARG B 196 5.18 -9.16 22.85
N ILE B 197 5.65 -7.96 23.16
CA ILE B 197 7.03 -7.61 23.39
C ILE B 197 7.18 -7.22 24.87
N ASP B 198 8.11 -7.90 25.52
CA ASP B 198 8.55 -7.49 26.84
C ASP B 198 9.26 -6.12 26.69
N PRO B 199 8.78 -5.06 27.38
CA PRO B 199 9.33 -3.72 27.17
C PRO B 199 10.73 -3.50 27.75
N GLU B 200 11.16 -4.32 28.70
CA GLU B 200 12.53 -4.19 29.23
C GLU B 200 13.52 -4.73 28.22
N THR B 201 13.25 -5.94 27.69
CA THR B 201 14.23 -6.71 26.96
C THR B 201 14.08 -6.64 25.46
N GLY B 202 12.85 -6.35 25.01
CA GLY B 202 12.54 -6.25 23.58
C GLY B 202 12.25 -7.60 22.99
N LYS B 203 12.28 -8.66 23.79
CA LYS B 203 12.09 -10.01 23.26
C LYS B 203 10.61 -10.26 23.12
N VAL B 204 10.21 -10.94 22.03
CA VAL B 204 8.83 -11.28 21.82
C VAL B 204 8.47 -12.38 22.82
N THR B 205 7.41 -12.16 23.58
CA THR B 205 6.98 -13.12 24.63
C THR B 205 5.73 -13.92 24.23
N GLY B 206 5.11 -13.56 23.11
CA GLY B 206 3.90 -14.22 22.66
C GLY B 206 3.54 -13.72 21.29
N ILE B 207 2.76 -14.51 20.58
CA ILE B 207 2.37 -14.21 19.22
C ILE B 207 0.87 -14.43 19.12
N ILE B 208 0.14 -13.40 18.68
CA ILE B 208 -1.32 -13.53 18.52
C ILE B 208 -1.59 -13.67 17.06
N ASP B 209 -2.33 -14.71 16.75
CA ASP B 209 -2.49 -15.09 15.40
C ASP B 209 -3.94 -14.82 15.05
N LEU B 210 -4.12 -13.92 14.10
CA LEU B 210 -5.43 -13.54 13.62
C LEU B 210 -5.71 -14.00 12.18
N ASN B 211 -4.91 -14.92 11.63
CA ASN B 211 -5.25 -15.53 10.34
C ASN B 211 -6.68 -16.04 10.35
N GLY B 212 -7.47 -15.62 9.35
CA GLY B 212 -8.82 -16.11 9.18
C GLY B 212 -9.90 -15.20 9.76
N ILE B 213 -9.52 -14.25 10.60
CA ILE B 213 -10.49 -13.35 11.24
C ILE B 213 -11.42 -12.69 10.22
N LEU B 214 -10.90 -12.34 9.04
CA LEU B 214 -11.70 -11.67 8.04
C LEU B 214 -12.84 -12.53 7.48
N ALA B 215 -12.69 -13.84 7.63
CA ALA B 215 -13.69 -14.80 7.23
C ALA B 215 -14.86 -14.68 8.20
N GLU B 216 -14.60 -13.99 9.30
CA GLU B 216 -15.64 -13.72 10.32
C GLU B 216 -16.13 -12.29 10.19
N ALA B 217 -15.54 -11.53 9.25
CA ALA B 217 -15.84 -10.10 9.08
C ALA B 217 -17.09 -9.81 8.28
N GLY B 218 -17.81 -10.85 7.87
CA GLY B 218 -18.95 -10.65 6.95
C GLY B 218 -18.58 -10.24 5.52
N PRO B 219 -19.46 -9.46 4.84
CA PRO B 219 -19.19 -9.12 3.42
C PRO B 219 -17.95 -8.21 3.28
N LEU B 220 -16.93 -8.73 2.60
CA LEU B 220 -15.67 -8.02 2.41
C LEU B 220 -15.74 -6.90 1.33
N PRO B 221 -15.08 -5.73 1.59
CA PRO B 221 -15.11 -4.66 0.59
C PRO B 221 -13.99 -4.85 -0.47
N SER B 222 -14.15 -4.15 -1.58
CA SER B 222 -13.08 -4.07 -2.59
C SER B 222 -12.63 -2.59 -2.75
N PRO B 223 -11.33 -2.34 -2.58
CA PRO B 223 -10.42 -3.40 -2.11
C PRO B 223 -10.36 -3.58 -0.55
N ILE B 224 -9.60 -4.58 -0.12
CA ILE B 224 -9.25 -4.79 1.27
C ILE B 224 -7.70 -4.79 1.46
N ASP B 225 -7.23 -4.29 2.61
CA ASP B 225 -5.81 -4.24 2.96
C ASP B 225 -5.54 -5.04 4.23
N VAL B 226 -4.48 -4.67 4.94
CA VAL B 226 -3.96 -5.55 5.96
C VAL B 226 -4.36 -5.17 7.36
N LEU B 227 -4.28 -6.17 8.20
CA LEU B 227 -4.47 -6.08 9.59
C LEU B 227 -3.59 -4.95 10.04
N ASN B 228 -4.13 -4.05 10.85
CA ASN B 228 -3.31 -3.02 11.47
C ASN B 228 -4.20 -2.26 12.41
N GLY B 229 -3.77 -2.07 13.65
CA GLY B 229 -4.60 -1.25 14.58
C GLY B 229 -4.97 -1.99 15.84
N ILE B 230 -4.54 -1.51 16.98
CA ILE B 230 -4.83 -2.25 18.21
C ILE B 230 -5.20 -1.25 19.24
N ALA B 231 -6.33 -1.46 19.92
CA ALA B 231 -6.75 -0.53 20.96
C ALA B 231 -7.16 -1.29 22.21
N TRP B 232 -7.07 -0.65 23.36
CA TRP B 232 -7.23 -1.38 24.56
C TRP B 232 -7.86 -0.44 25.48
N ASP B 233 -8.81 -0.98 26.23
CA ASP B 233 -9.46 -0.31 27.31
C ASP B 233 -8.93 -1.00 28.56
N LYS B 234 -8.12 -0.26 29.32
CA LYS B 234 -7.46 -0.76 30.53
C LYS B 234 -8.49 -0.99 31.61
N GLU B 235 -9.45 -0.08 31.78
CA GLU B 235 -10.45 -0.30 32.84
C GLU B 235 -11.24 -1.65 32.72
N HIS B 236 -11.84 -1.87 31.58
CA HIS B 236 -12.54 -3.10 31.31
C HIS B 236 -11.72 -4.24 30.69
N HIS B 237 -10.45 -4.01 30.33
CA HIS B 237 -9.63 -5.11 29.76
C HIS B 237 -10.30 -5.59 28.46
N ARG B 238 -10.54 -4.64 27.56
CA ARG B 238 -11.23 -4.93 26.31
C ARG B 238 -10.27 -4.64 25.16
N LEU B 239 -10.03 -5.65 24.32
CA LEU B 239 -8.99 -5.55 23.28
C LEU B 239 -9.61 -5.44 21.90
N PHE B 240 -9.26 -4.39 21.15
CA PHE B 240 -9.81 -4.25 19.83
C PHE B 240 -8.75 -4.32 18.75
N VAL B 241 -9.07 -4.96 17.63
CA VAL B 241 -8.15 -5.07 16.49
C VAL B 241 -8.91 -4.74 15.23
N THR B 242 -8.25 -4.00 14.35
CA THR B 242 -8.80 -3.86 13.03
C THR B 242 -7.71 -3.85 11.95
N GLY B 243 -8.03 -3.29 10.78
CA GLY B 243 -7.10 -3.25 9.69
C GLY B 243 -7.53 -2.25 8.65
N LYS B 244 -6.67 -2.07 7.65
CA LYS B 244 -6.85 -0.99 6.69
C LYS B 244 -7.96 -1.36 5.71
N LEU B 245 -8.87 -0.42 5.46
CA LEU B 245 -10.12 -0.69 4.72
C LEU B 245 -10.93 -1.92 5.22
N TRP B 246 -10.80 -2.30 6.49
CA TRP B 246 -11.56 -3.40 7.06
C TRP B 246 -13.00 -3.01 7.37
N PRO B 247 -13.93 -3.99 7.19
CA PRO B 247 -15.34 -3.64 7.46
C PRO B 247 -15.69 -3.72 8.93
N LYS B 248 -14.82 -4.29 9.75
CA LYS B 248 -15.13 -4.48 11.16
C LYS B 248 -13.99 -4.04 12.08
N VAL B 249 -14.32 -3.62 13.30
CA VAL B 249 -13.36 -3.68 14.41
C VAL B 249 -13.75 -4.90 15.21
N PHE B 250 -12.78 -5.70 15.60
CA PHE B 250 -13.17 -6.88 16.39
C PHE B 250 -12.82 -6.66 17.84
N GLU B 251 -13.76 -6.91 18.74
CA GLU B 251 -13.39 -7.04 20.12
C GLU B 251 -13.02 -8.52 20.39
N ILE B 252 -11.86 -8.80 20.92
CA ILE B 252 -11.43 -10.17 21.03
C ILE B 252 -10.87 -10.56 22.41
N THR B 253 -10.96 -11.84 22.77
CA THR B 253 -10.22 -12.32 23.94
C THR B 253 -9.15 -13.28 23.41
N LEU B 254 -8.14 -13.64 24.22
CA LEU B 254 -7.11 -14.57 23.75
C LEU B 254 -7.01 -15.86 24.54
N THR B 255 -6.64 -16.92 23.85
CA THR B 255 -6.44 -18.23 24.46
C THR B 255 -5.08 -18.69 24.01
N GLN B 256 -4.31 -19.21 24.94
CA GLN B 256 -3.11 -19.89 24.55
C GLN B 256 -3.45 -21.18 23.79
N ARG B 257 -2.80 -21.36 22.63
CA ARG B 257 -2.98 -22.58 21.81
C ARG B 257 -2.26 -23.83 22.39
N VAL B 258 -2.47 -25.00 21.73
CA VAL B 258 -2.00 -26.40 22.08
C VAL B 258 -1.84 -26.62 23.58
#